data_1HXY
#
_entry.id   1HXY
#
_cell.length_a   123.624
_cell.length_b   122.843
_cell.length_c   48.513
_cell.angle_alpha   90.00
_cell.angle_beta   100.13
_cell.angle_gamma   90.00
#
_symmetry.space_group_name_H-M   'C 1 2 1'
#
loop_
_entity.id
_entity.type
_entity.pdbx_description
1 polymer 'HLA CLASS II HISTOCOMPATIBILITY ANTIGEN, DR ALPHA CHAIN'
2 polymer 'HLA CLASS II HISTOCOMPATIBILITY ANTIGEN, DR-1 BETA CHAIN'
3 polymer HEMAGGLUTININ
4 polymer 'ENTEROTOXIN H'
5 non-polymer 'ZINC ION'
6 water water
#
loop_
_entity_poly.entity_id
_entity_poly.type
_entity_poly.pdbx_seq_one_letter_code
_entity_poly.pdbx_strand_id
1 'polypeptide(L)'
;IKEEHVIIQAEFYLNPDQSGEFMFDFDGDEIFHVDMAKKETVWRLEEFGRFASFEAQGALANIAVDKANLEIMTKRSNYT
PITNVPPEVTVLTNSPVELREPNVLICFIDKFTPPVVNVTWLRNGKPVTTGVSETVFLPREDHLFRKFHYLPFLPSTEDV
YDCRVEHWGLDEPLLKHWEFDA
;
A
2 'polypeptide(L)'
;GDTRPRFLWQLKFECHFFNGTERVRLLERCIYNQEESVRFDSDVGEYRAVTELGRPDAEYWNSQKDLLEQRRAAVDTYCR
HNYGVGESFTVQRRVEPKVTVYPSKTQPLQHHNLLVCSVSGFYPGSIEVRWFRNGQEEKAGVVSTGLIQNGDWTFQTLVM
LETVPRSGEVYTCQVEHPSVTSPLTVEWRA
;
B
3 'polypeptide(L)' PKYVKQNTLKLAT C
4 'polypeptide(L)'
;EDLHDKSELTDLALANAYGQYNHPFIKENIKSDEISGEKDLIFRNQGDSGNDLRVKFATADLAQKFKNKNVDIYGASFYY
KCEKISENISECLYGGTTLNSEKLAQERVIGANVWVDGIQKETELIRTNKKNVTLQELDIKIRKILSDKYKIYYKDSEIS
KGLIEFDMKTPRDYSFDIYDLKGENDYEIDKIYEDNKTLKSDDISHIDVNLYT
;
D
#
loop_
_chem_comp.id
_chem_comp.type
_chem_comp.name
_chem_comp.formula
ZN non-polymer 'ZINC ION' 'Zn 2'
#
# COMPACT_ATOMS: atom_id res chain seq x y z
N GLU A 3 17.20 4.71 1.49
CA GLU A 3 15.87 4.76 0.80
C GLU A 3 14.91 5.75 1.47
N GLU A 4 13.65 5.68 1.06
CA GLU A 4 12.64 6.59 1.60
C GLU A 4 11.69 5.95 2.60
N HIS A 5 10.70 5.20 2.12
CA HIS A 5 9.73 4.62 3.03
C HIS A 5 9.42 3.16 2.75
N VAL A 6 8.90 2.48 3.77
CA VAL A 6 8.54 1.08 3.65
C VAL A 6 7.16 0.79 4.23
N ILE A 7 6.30 0.18 3.43
CA ILE A 7 4.99 -0.20 3.92
C ILE A 7 5.01 -1.73 3.98
N ILE A 8 4.64 -2.27 5.13
CA ILE A 8 4.64 -3.71 5.34
C ILE A 8 3.28 -4.27 5.75
N GLN A 9 2.81 -5.26 5.00
CA GLN A 9 1.57 -5.93 5.34
C GLN A 9 2.10 -7.17 6.04
N ALA A 10 1.87 -7.28 7.33
CA ALA A 10 2.37 -8.41 8.08
C ALA A 10 1.24 -9.18 8.73
N GLU A 11 1.30 -10.51 8.61
CA GLU A 11 0.28 -11.36 9.20
C GLU A 11 0.90 -12.66 9.67
N PHE A 12 0.30 -13.26 10.68
CA PHE A 12 0.81 -14.52 11.19
C PHE A 12 -0.32 -15.30 11.84
N TYR A 13 -0.08 -16.60 12.00
CA TYR A 13 -1.03 -17.49 12.67
C TYR A 13 -0.17 -18.37 13.56
N LEU A 14 -0.59 -18.52 14.80
CA LEU A 14 0.17 -19.31 15.76
C LEU A 14 -0.61 -20.45 16.35
N ASN A 15 0.02 -21.63 16.39
CA ASN A 15 -0.58 -22.80 17.00
C ASN A 15 0.30 -23.16 18.18
N PRO A 16 -0.25 -23.84 19.19
CA PRO A 16 -1.63 -24.30 19.30
C PRO A 16 -2.66 -23.25 19.76
N ASP A 17 -2.19 -22.04 20.01
CA ASP A 17 -3.06 -20.94 20.46
C ASP A 17 -4.19 -20.62 19.50
N GLN A 18 -3.93 -20.73 18.20
CA GLN A 18 -4.92 -20.42 17.21
C GLN A 18 -5.18 -18.92 17.24
N SER A 19 -4.12 -18.16 17.50
CA SER A 19 -4.24 -16.72 17.53
C SER A 19 -3.56 -16.21 16.25
N GLY A 20 -4.20 -15.25 15.59
CA GLY A 20 -3.68 -14.70 14.36
C GLY A 20 -3.60 -13.20 14.39
N GLU A 21 -2.99 -12.60 13.37
CA GLU A 21 -2.86 -11.15 13.31
C GLU A 21 -2.73 -10.69 11.87
N PHE A 22 -3.17 -9.45 11.64
CA PHE A 22 -3.10 -8.85 10.32
C PHE A 22 -3.02 -7.35 10.52
N MET A 23 -1.95 -6.74 10.02
CA MET A 23 -1.76 -5.32 10.19
C MET A 23 -0.86 -4.69 9.16
N PHE A 24 -0.91 -3.37 9.10
CA PHE A 24 -0.08 -2.61 8.18
C PHE A 24 0.89 -1.75 8.96
N ASP A 25 2.11 -1.70 8.45
CA ASP A 25 3.21 -0.96 9.06
C ASP A 25 3.71 0.11 8.09
N PHE A 26 4.12 1.25 8.64
CA PHE A 26 4.67 2.33 7.83
C PHE A 26 5.90 2.83 8.56
N ASP A 27 7.07 2.57 8.00
CA ASP A 27 8.33 2.96 8.63
C ASP A 27 8.38 2.59 10.12
N GLY A 28 7.88 1.42 10.48
CA GLY A 28 7.92 1.00 11.87
C GLY A 28 6.72 1.31 12.76
N ASP A 29 5.77 2.08 12.23
CA ASP A 29 4.57 2.41 13.01
C ASP A 29 3.36 1.68 12.44
N GLU A 30 2.50 1.19 13.33
CA GLU A 30 1.30 0.49 12.91
C GLU A 30 0.34 1.49 12.26
N ILE A 31 -0.27 1.12 11.14
CA ILE A 31 -1.23 2.02 10.55
C ILE A 31 -2.57 1.51 11.07
N PHE A 32 -2.76 0.20 11.02
CA PHE A 32 -4.00 -0.40 11.51
C PHE A 32 -3.86 -1.91 11.57
N HIS A 33 -4.76 -2.56 12.28
CA HIS A 33 -4.77 -4.02 12.35
C HIS A 33 -6.23 -4.44 12.39
N VAL A 34 -6.49 -5.71 12.10
CA VAL A 34 -7.85 -6.20 12.13
C VAL A 34 -8.10 -7.02 13.39
N ASP A 35 -9.12 -6.66 14.13
CA ASP A 35 -9.50 -7.38 15.35
C ASP A 35 -10.17 -8.68 14.91
N MET A 36 -9.46 -9.79 15.03
CA MET A 36 -9.98 -11.09 14.62
C MET A 36 -11.32 -11.46 15.27
N ALA A 37 -11.47 -11.09 16.54
CA ALA A 37 -12.71 -11.38 17.27
C ALA A 37 -13.82 -10.47 16.78
N LYS A 38 -13.66 -9.17 16.99
CA LYS A 38 -14.66 -8.21 16.57
C LYS A 38 -14.92 -8.24 15.07
N LYS A 39 -13.91 -8.62 14.29
CA LYS A 39 -14.02 -8.64 12.83
C LYS A 39 -14.13 -7.22 12.29
N GLU A 40 -13.41 -6.28 12.89
CA GLU A 40 -13.41 -4.88 12.48
C GLU A 40 -11.96 -4.41 12.40
N THR A 41 -11.68 -3.42 11.55
CA THR A 41 -10.32 -2.92 11.45
C THR A 41 -10.14 -1.75 12.42
N VAL A 42 -9.06 -1.82 13.19
CA VAL A 42 -8.73 -0.81 14.19
C VAL A 42 -7.51 0.02 13.77
N TRP A 43 -7.73 1.33 13.60
CA TRP A 43 -6.69 2.27 13.21
C TRP A 43 -5.86 2.67 14.43
N ARG A 44 -4.54 2.87 14.25
CA ARG A 44 -3.63 3.22 15.37
C ARG A 44 -3.93 4.58 15.94
N LEU A 45 -4.37 5.47 15.07
CA LEU A 45 -4.76 6.81 15.44
C LEU A 45 -6.09 6.95 14.73
N GLU A 46 -7.14 7.25 15.48
CA GLU A 46 -8.48 7.37 14.91
C GLU A 46 -8.52 8.20 13.62
N GLU A 47 -7.76 9.29 13.57
CA GLU A 47 -7.72 10.16 12.40
C GLU A 47 -7.50 9.40 11.09
N PHE A 48 -6.68 8.34 11.13
CA PHE A 48 -6.41 7.60 9.91
C PHE A 48 -7.69 7.05 9.29
N GLY A 49 -8.65 6.67 10.13
CA GLY A 49 -9.88 6.12 9.63
C GLY A 49 -10.84 7.07 8.92
N ARG A 50 -10.52 8.37 8.88
CA ARG A 50 -11.41 9.34 8.26
C ARG A 50 -11.51 9.22 6.76
N PHE A 51 -10.39 9.09 6.08
CA PHE A 51 -10.52 8.97 4.64
C PHE A 51 -9.96 7.72 4.05
N ALA A 52 -9.26 6.93 4.86
CA ALA A 52 -8.74 5.66 4.37
C ALA A 52 -9.62 4.60 5.01
N SER A 53 -9.85 3.52 4.28
CA SER A 53 -10.68 2.45 4.79
C SER A 53 -10.19 1.08 4.32
N PHE A 54 -10.48 0.06 5.11
CA PHE A 54 -10.09 -1.31 4.80
C PHE A 54 -11.14 -2.31 5.28
N GLU A 55 -11.48 -3.24 4.40
CA GLU A 55 -12.46 -4.28 4.67
C GLU A 55 -11.88 -5.43 5.48
N ALA A 56 -12.28 -5.53 6.75
CA ALA A 56 -11.79 -6.57 7.67
C ALA A 56 -11.98 -7.99 7.14
N GLN A 57 -12.95 -8.15 6.26
CA GLN A 57 -13.28 -9.42 5.61
C GLN A 57 -12.04 -9.91 4.86
N GLY A 58 -11.40 -8.96 4.16
CA GLY A 58 -10.21 -9.28 3.39
C GLY A 58 -9.17 -9.91 4.29
N ALA A 59 -9.07 -9.41 5.52
CA ALA A 59 -8.11 -9.94 6.47
C ALA A 59 -8.41 -11.38 6.86
N LEU A 60 -9.66 -11.65 7.25
CA LEU A 60 -10.03 -12.99 7.66
C LEU A 60 -9.74 -14.06 6.60
N ALA A 61 -9.97 -13.71 5.34
CA ALA A 61 -9.71 -14.65 4.26
C ALA A 61 -8.24 -15.07 4.34
N ASN A 62 -7.34 -14.09 4.33
CA ASN A 62 -5.92 -14.33 4.41
C ASN A 62 -5.54 -15.21 5.59
N ILE A 63 -6.07 -14.88 6.76
CA ILE A 63 -5.77 -15.64 7.97
C ILE A 63 -6.11 -17.12 7.85
N ALA A 64 -7.24 -17.42 7.20
CA ALA A 64 -7.65 -18.81 7.01
C ALA A 64 -6.58 -19.57 6.20
N VAL A 65 -6.00 -18.90 5.21
CA VAL A 65 -4.97 -19.52 4.41
C VAL A 65 -3.70 -19.64 5.25
N ASP A 66 -3.36 -18.61 6.00
CA ASP A 66 -2.15 -18.67 6.82
C ASP A 66 -2.29 -19.85 7.78
N LYS A 67 -3.48 -20.00 8.35
CA LYS A 67 -3.71 -21.12 9.26
C LYS A 67 -3.45 -22.45 8.54
N ALA A 68 -3.91 -22.55 7.31
CA ALA A 68 -3.73 -23.76 6.52
C ALA A 68 -2.25 -24.00 6.18
N ASN A 69 -1.51 -22.94 5.85
CA ASN A 69 -0.11 -23.10 5.52
C ASN A 69 0.72 -23.47 6.75
N LEU A 70 0.30 -23.00 7.93
CA LEU A 70 1.05 -23.31 9.15
C LEU A 70 1.00 -24.82 9.36
N GLU A 71 -0.16 -25.40 9.09
CA GLU A 71 -0.36 -26.85 9.21
C GLU A 71 0.61 -27.59 8.28
N ILE A 72 0.66 -27.14 7.04
CA ILE A 72 1.53 -27.74 6.04
C ILE A 72 3.01 -27.62 6.41
N MET A 73 3.43 -26.45 6.87
CA MET A 73 4.83 -26.27 7.24
C MET A 73 5.20 -26.99 8.53
N THR A 74 4.20 -27.21 9.39
CA THR A 74 4.46 -27.91 10.65
C THR A 74 4.86 -29.36 10.32
N LYS A 75 4.17 -29.95 9.35
CA LYS A 75 4.46 -31.31 8.91
C LYS A 75 5.74 -31.35 8.09
N ARG A 76 5.78 -30.56 7.02
CA ARG A 76 6.96 -30.53 6.17
C ARG A 76 8.22 -30.31 6.99
N SER A 77 8.11 -29.66 8.15
CA SER A 77 9.29 -29.42 8.98
C SER A 77 9.52 -30.49 10.01
N ASN A 78 8.64 -31.49 10.05
CA ASN A 78 8.72 -32.58 11.03
C ASN A 78 8.34 -32.09 12.41
N TYR A 79 7.37 -31.19 12.46
CA TYR A 79 6.89 -30.65 13.73
C TYR A 79 7.99 -30.01 14.55
N THR A 80 8.96 -29.39 13.92
CA THR A 80 10.00 -28.74 14.70
C THR A 80 9.42 -27.43 15.20
N PRO A 81 9.32 -27.30 16.52
CA PRO A 81 8.77 -26.11 17.17
C PRO A 81 9.65 -24.88 17.10
N ILE A 82 9.07 -23.75 17.44
CA ILE A 82 9.80 -22.49 17.42
C ILE A 82 10.64 -22.43 18.68
N THR A 83 11.79 -21.79 18.57
CA THR A 83 12.69 -21.64 19.70
C THR A 83 12.36 -20.31 20.35
N ASN A 84 11.94 -20.36 21.62
CA ASN A 84 11.59 -19.13 22.32
C ASN A 84 12.77 -18.17 22.36
N VAL A 85 12.45 -16.89 22.22
CA VAL A 85 13.40 -15.80 22.27
C VAL A 85 12.77 -14.80 23.22
N PRO A 86 13.23 -14.77 24.47
CA PRO A 86 12.72 -13.86 25.49
C PRO A 86 12.85 -12.40 25.08
N PRO A 87 11.96 -11.54 25.60
CA PRO A 87 11.98 -10.13 25.26
C PRO A 87 12.99 -9.30 26.01
N GLU A 88 13.31 -8.16 25.42
CA GLU A 88 14.21 -7.17 26.01
C GLU A 88 13.19 -6.14 26.45
N VAL A 89 13.03 -5.95 27.75
CA VAL A 89 12.06 -4.99 28.20
C VAL A 89 12.71 -3.73 28.75
N THR A 90 12.21 -2.59 28.29
CA THR A 90 12.75 -1.32 28.72
C THR A 90 11.60 -0.37 29.06
N VAL A 91 11.74 0.39 30.14
CA VAL A 91 10.68 1.31 30.51
C VAL A 91 11.19 2.71 30.41
N LEU A 92 10.67 3.42 29.41
CA LEU A 92 11.02 4.79 29.14
C LEU A 92 9.89 5.68 29.64
N THR A 93 10.05 6.97 29.45
CA THR A 93 9.07 7.97 29.83
C THR A 93 8.81 8.73 28.54
N ASN A 94 7.59 9.23 28.37
CA ASN A 94 7.23 9.96 27.17
C ASN A 94 8.08 11.22 26.99
N SER A 95 8.47 11.83 28.11
CA SER A 95 9.30 13.03 28.09
C SER A 95 10.04 13.15 29.44
N PRO A 96 10.96 14.11 29.57
CA PRO A 96 11.68 14.27 30.84
C PRO A 96 10.72 14.44 32.01
N VAL A 97 10.83 13.57 33.00
CA VAL A 97 9.94 13.66 34.16
C VAL A 97 10.25 14.85 35.05
N GLU A 98 9.19 15.51 35.49
CA GLU A 98 9.31 16.64 36.39
C GLU A 98 8.20 16.32 37.38
N LEU A 99 8.43 16.56 38.66
CA LEU A 99 7.42 16.23 39.65
C LEU A 99 6.04 16.86 39.44
N ARG A 100 5.01 16.06 39.61
CA ARG A 100 3.64 16.52 39.48
C ARG A 100 3.23 16.86 38.04
N GLU A 101 4.19 16.82 37.12
CA GLU A 101 3.89 17.11 35.72
C GLU A 101 3.47 15.87 34.91
N PRO A 102 2.23 15.87 34.39
CA PRO A 102 1.70 14.76 33.59
C PRO A 102 2.71 14.11 32.63
N ASN A 103 2.72 12.79 32.57
CA ASN A 103 3.64 12.08 31.72
C ASN A 103 3.08 10.71 31.37
N VAL A 104 3.83 9.94 30.58
CA VAL A 104 3.39 8.61 30.22
C VAL A 104 4.54 7.61 30.31
N LEU A 105 4.32 6.54 31.08
CA LEU A 105 5.31 5.49 31.22
C LEU A 105 5.16 4.59 30.02
N ILE A 106 6.27 4.34 29.32
CA ILE A 106 6.25 3.49 28.14
C ILE A 106 7.03 2.21 28.39
N CYS A 107 6.39 1.07 28.20
CA CYS A 107 7.05 -0.21 28.38
C CYS A 107 7.29 -0.75 26.98
N PHE A 108 8.55 -0.82 26.57
CA PHE A 108 8.91 -1.33 25.25
C PHE A 108 9.37 -2.80 25.33
N ILE A 109 8.56 -3.69 24.76
CA ILE A 109 8.85 -5.13 24.75
C ILE A 109 9.44 -5.40 23.36
N ASP A 110 10.66 -5.92 23.33
CA ASP A 110 11.33 -6.09 22.04
C ASP A 110 12.14 -7.37 21.83
N LYS A 111 12.39 -7.67 20.55
CA LYS A 111 13.18 -8.82 20.12
C LYS A 111 12.73 -10.16 20.69
N PHE A 112 11.45 -10.48 20.55
CA PHE A 112 10.99 -11.75 21.07
C PHE A 112 10.14 -12.57 20.09
N THR A 113 9.83 -13.79 20.50
CA THR A 113 9.01 -14.69 19.71
C THR A 113 8.82 -15.96 20.53
N PRO A 114 7.68 -16.64 20.38
CA PRO A 114 6.56 -16.29 19.51
C PRO A 114 5.82 -15.04 20.02
N PRO A 115 4.87 -14.53 19.23
CA PRO A 115 4.07 -13.34 19.53
C PRO A 115 2.94 -13.62 20.56
N VAL A 116 3.33 -13.88 21.79
CA VAL A 116 2.41 -14.16 22.88
C VAL A 116 3.05 -13.53 24.10
N VAL A 117 2.36 -12.59 24.73
CA VAL A 117 2.94 -11.95 25.89
C VAL A 117 1.87 -11.54 26.91
N ASN A 118 2.28 -11.46 28.17
CA ASN A 118 1.38 -11.10 29.27
C ASN A 118 2.04 -9.94 30.03
N VAL A 119 1.52 -8.74 29.81
CA VAL A 119 2.04 -7.54 30.42
C VAL A 119 1.15 -7.01 31.53
N THR A 120 1.78 -6.54 32.61
CA THR A 120 1.04 -5.97 33.72
C THR A 120 1.79 -4.76 34.30
N TRP A 121 1.05 -3.68 34.49
CA TRP A 121 1.64 -2.49 35.10
C TRP A 121 1.28 -2.61 36.58
N LEU A 122 2.20 -2.23 37.47
CA LEU A 122 1.94 -2.28 38.91
C LEU A 122 2.37 -0.96 39.55
N ARG A 123 1.42 -0.27 40.19
CA ARG A 123 1.68 0.99 40.88
C ARG A 123 1.85 0.60 42.35
N ASN A 124 3.03 0.91 42.90
CA ASN A 124 3.35 0.56 44.29
C ASN A 124 3.02 -0.90 44.56
N GLY A 125 3.19 -1.76 43.55
CA GLY A 125 2.90 -3.16 43.74
C GLY A 125 1.48 -3.60 43.46
N LYS A 126 0.65 -2.75 42.86
CA LYS A 126 -0.72 -3.15 42.57
C LYS A 126 -0.98 -3.06 41.09
N PRO A 127 -1.62 -4.09 40.49
CA PRO A 127 -1.90 -4.06 39.06
C PRO A 127 -2.71 -2.80 38.74
N VAL A 128 -2.46 -2.22 37.57
CA VAL A 128 -3.14 -1.00 37.15
C VAL A 128 -3.88 -1.23 35.84
N THR A 129 -4.97 -0.49 35.62
CA THR A 129 -5.80 -0.58 34.41
C THR A 129 -6.24 0.83 34.00
N THR A 130 -6.16 1.77 34.95
CA THR A 130 -6.57 3.15 34.72
C THR A 130 -5.80 3.89 33.63
N GLY A 131 -6.36 3.87 32.41
CA GLY A 131 -5.77 4.57 31.29
C GLY A 131 -4.71 3.85 30.48
N VAL A 132 -4.47 2.58 30.80
CA VAL A 132 -3.46 1.79 30.10
C VAL A 132 -3.93 1.40 28.70
N SER A 133 -3.02 1.45 27.73
CA SER A 133 -3.32 1.09 26.33
C SER A 133 -2.16 0.24 25.83
N GLU A 134 -2.25 -0.24 24.60
CA GLU A 134 -1.18 -1.06 24.03
C GLU A 134 -1.29 -1.23 22.52
N THR A 135 -0.19 -1.63 21.89
CA THR A 135 -0.17 -1.87 20.45
C THR A 135 -0.22 -3.38 20.29
N VAL A 136 -0.35 -3.83 19.04
CA VAL A 136 -0.35 -5.26 18.79
C VAL A 136 1.09 -5.60 18.50
N PHE A 137 1.39 -6.84 18.18
CA PHE A 137 2.77 -7.20 17.90
C PHE A 137 3.23 -6.61 16.59
N LEU A 138 4.36 -5.90 16.63
CA LEU A 138 4.92 -5.27 15.46
C LEU A 138 6.04 -6.15 14.89
N PRO A 139 6.19 -6.17 13.55
CA PRO A 139 7.22 -6.97 12.88
C PRO A 139 8.61 -6.39 12.95
N ARG A 140 9.62 -7.26 13.02
CA ARG A 140 11.02 -6.85 13.04
C ARG A 140 11.60 -7.51 11.80
N GLU A 141 12.70 -6.95 11.29
CA GLU A 141 13.35 -7.51 10.11
C GLU A 141 13.96 -8.89 10.39
N ASP A 142 14.23 -9.17 11.65
CA ASP A 142 14.78 -10.46 12.03
C ASP A 142 13.62 -11.41 12.32
N HIS A 143 12.42 -10.99 11.92
CA HIS A 143 11.20 -11.78 12.10
C HIS A 143 10.83 -12.05 13.53
N LEU A 144 11.38 -11.24 14.43
CA LEU A 144 11.04 -11.33 15.84
C LEU A 144 9.96 -10.23 15.99
N PHE A 145 9.43 -9.99 17.18
CA PHE A 145 8.38 -8.98 17.32
C PHE A 145 8.67 -7.87 18.33
N ARG A 146 7.95 -6.76 18.18
CA ARG A 146 8.02 -5.58 19.06
C ARG A 146 6.62 -5.43 19.66
N LYS A 147 6.50 -4.70 20.76
CA LYS A 147 5.20 -4.42 21.37
C LYS A 147 5.33 -3.25 22.33
N PHE A 148 4.28 -2.44 22.43
CA PHE A 148 4.28 -1.28 23.32
C PHE A 148 3.08 -1.25 24.25
N HIS A 149 3.32 -0.82 25.49
CA HIS A 149 2.26 -0.65 26.48
C HIS A 149 2.47 0.72 27.10
N TYR A 150 1.38 1.38 27.45
CA TYR A 150 1.46 2.72 28.02
C TYR A 150 0.62 2.92 29.27
N LEU A 151 1.13 3.75 30.17
CA LEU A 151 0.44 4.06 31.41
C LEU A 151 0.64 5.55 31.73
N PRO A 152 -0.40 6.38 31.49
CA PRO A 152 -0.21 7.81 31.81
C PRO A 152 -0.10 7.91 33.32
N PHE A 153 0.76 8.79 33.81
CA PHE A 153 0.92 8.91 35.25
C PHE A 153 1.36 10.31 35.68
N LEU A 154 1.29 10.53 37.00
CA LEU A 154 1.71 11.81 37.57
C LEU A 154 2.94 11.57 38.44
N PRO A 155 4.12 11.96 37.93
CA PRO A 155 5.40 11.80 38.64
C PRO A 155 5.32 12.15 40.12
N SER A 156 5.67 11.20 40.96
CA SER A 156 5.62 11.43 42.39
C SER A 156 6.81 10.77 43.07
N THR A 157 7.13 11.25 44.27
CA THR A 157 8.23 10.68 45.04
C THR A 157 7.68 9.52 45.86
N GLU A 158 6.36 9.53 46.05
CA GLU A 158 5.68 8.52 46.84
C GLU A 158 5.28 7.31 45.99
N ASP A 159 5.81 7.19 44.79
CA ASP A 159 5.41 6.07 43.94
C ASP A 159 6.50 5.31 43.23
N VAL A 160 6.18 4.06 42.92
CA VAL A 160 7.06 3.17 42.19
C VAL A 160 6.22 2.41 41.18
N TYR A 161 6.75 2.23 39.98
CA TYR A 161 6.03 1.48 38.96
C TYR A 161 6.84 0.28 38.49
N ASP A 162 6.12 -0.71 37.97
CA ASP A 162 6.76 -1.89 37.46
C ASP A 162 6.00 -2.42 36.27
N CYS A 163 6.73 -2.77 35.21
CA CYS A 163 6.11 -3.37 34.04
C CYS A 163 6.56 -4.81 34.09
N ARG A 164 5.60 -5.72 34.31
CA ARG A 164 5.88 -7.15 34.37
C ARG A 164 5.57 -7.78 33.01
N VAL A 165 6.55 -8.47 32.44
CA VAL A 165 6.33 -9.11 31.16
C VAL A 165 6.55 -10.61 31.33
N GLU A 166 5.56 -11.39 30.94
CA GLU A 166 5.64 -12.84 31.03
C GLU A 166 5.74 -13.41 29.61
N HIS A 167 6.66 -14.36 29.41
CA HIS A 167 6.88 -14.98 28.11
C HIS A 167 7.50 -16.36 28.32
N TRP A 168 7.12 -17.32 27.48
CA TRP A 168 7.64 -18.68 27.63
C TRP A 168 9.18 -18.85 27.63
N GLY A 169 9.90 -17.95 26.96
CA GLY A 169 11.35 -18.06 26.94
C GLY A 169 11.99 -17.37 28.14
N LEU A 170 11.19 -17.16 29.17
CA LEU A 170 11.63 -16.52 30.39
C LEU A 170 11.37 -17.51 31.53
N ASP A 171 12.33 -17.63 32.45
CA ASP A 171 12.20 -18.55 33.58
C ASP A 171 11.17 -17.99 34.54
N GLU A 172 11.41 -16.74 34.95
CA GLU A 172 10.52 -16.01 35.85
C GLU A 172 10.13 -14.75 35.07
N PRO A 173 9.03 -14.09 35.46
CA PRO A 173 8.68 -12.89 34.71
C PRO A 173 9.79 -11.85 34.81
N LEU A 174 9.84 -10.97 33.83
CA LEU A 174 10.85 -9.92 33.78
C LEU A 174 10.17 -8.65 34.28
N LEU A 175 10.57 -8.20 35.46
CA LEU A 175 10.00 -7.01 36.06
C LEU A 175 10.92 -5.84 35.84
N LYS A 176 10.48 -4.86 35.06
CA LYS A 176 11.31 -3.68 34.87
C LYS A 176 10.73 -2.56 35.70
N HIS A 177 11.59 -2.04 36.58
CA HIS A 177 11.23 -1.02 37.54
C HIS A 177 11.38 0.43 37.12
N TRP A 178 10.58 1.30 37.72
CA TRP A 178 10.67 2.73 37.45
C TRP A 178 10.21 3.50 38.66
N GLU A 179 11.03 4.45 39.10
CA GLU A 179 10.71 5.28 40.24
C GLU A 179 11.39 6.62 40.03
N PHE A 180 10.77 7.69 40.55
CA PHE A 180 11.32 9.03 40.39
C PHE A 180 12.67 9.14 41.09
N ASP A 181 13.69 9.48 40.31
CA ASP A 181 15.04 9.61 40.83
C ASP A 181 15.37 11.07 41.14
N ALA A 182 15.35 11.40 42.42
CA ALA A 182 15.64 12.75 42.89
C ALA A 182 17.06 12.89 43.41
N THR B 3 5.44 -25.85 28.87
CA THR B 3 4.11 -25.71 28.17
C THR B 3 4.24 -26.21 26.74
N ARG B 4 3.12 -26.27 26.01
CA ARG B 4 3.10 -26.78 24.62
C ARG B 4 4.07 -26.12 23.65
N PRO B 5 4.52 -26.89 22.63
CA PRO B 5 5.43 -26.39 21.62
C PRO B 5 4.61 -25.44 20.74
N ARG B 6 5.22 -24.37 20.25
CA ARG B 6 4.48 -23.47 19.40
C ARG B 6 5.01 -23.65 17.98
N PHE B 7 4.16 -23.30 17.03
CA PHE B 7 4.49 -23.37 15.61
C PHE B 7 3.96 -22.05 15.08
N LEU B 8 4.82 -21.34 14.36
CA LEU B 8 4.47 -20.02 13.83
C LEU B 8 4.66 -19.87 12.33
N TRP B 9 3.70 -19.18 11.70
CA TRP B 9 3.73 -18.93 10.28
C TRP B 9 3.58 -17.43 10.04
N GLN B 10 4.50 -16.86 9.27
CA GLN B 10 4.45 -15.44 8.99
C GLN B 10 4.48 -15.14 7.51
N LEU B 11 3.73 -14.11 7.13
CA LEU B 11 3.73 -13.70 5.75
C LEU B 11 3.88 -12.18 5.77
N LYS B 12 4.86 -11.67 5.03
CA LYS B 12 5.11 -10.23 4.98
C LYS B 12 5.26 -9.74 3.55
N PHE B 13 4.55 -8.67 3.23
CA PHE B 13 4.65 -8.06 1.92
C PHE B 13 5.21 -6.67 2.23
N GLU B 14 6.45 -6.44 1.81
CA GLU B 14 7.13 -5.16 2.05
C GLU B 14 7.26 -4.35 0.79
N CYS B 15 6.75 -3.13 0.83
CA CYS B 15 6.81 -2.23 -0.31
C CYS B 15 7.85 -1.18 0.03
N HIS B 16 8.97 -1.22 -0.65
CA HIS B 16 10.04 -0.26 -0.40
C HIS B 16 9.92 0.85 -1.44
N PHE B 17 9.83 2.09 -0.97
CA PHE B 17 9.69 3.23 -1.87
C PHE B 17 10.93 4.12 -1.87
N PHE B 18 11.42 4.45 -3.06
CA PHE B 18 12.59 5.30 -3.17
C PHE B 18 12.26 6.53 -4.01
N ASN B 19 12.59 7.69 -3.46
CA ASN B 19 12.33 8.97 -4.12
C ASN B 19 10.85 9.09 -4.47
N GLY B 20 10.03 9.24 -3.45
CA GLY B 20 8.60 9.36 -3.67
C GLY B 20 8.07 8.00 -4.07
N THR B 21 7.73 7.85 -5.35
CA THR B 21 7.20 6.59 -5.84
C THR B 21 7.87 6.20 -7.14
N GLU B 22 9.00 6.85 -7.43
CA GLU B 22 9.77 6.61 -8.64
C GLU B 22 10.36 5.20 -8.70
N ARG B 23 10.96 4.76 -7.61
CA ARG B 23 11.54 3.43 -7.54
C ARG B 23 10.75 2.65 -6.49
N VAL B 24 10.19 1.50 -6.91
CA VAL B 24 9.41 0.64 -6.01
C VAL B 24 9.89 -0.81 -6.06
N ARG B 25 10.13 -1.38 -4.89
CA ARG B 25 10.53 -2.77 -4.80
C ARG B 25 9.62 -3.54 -3.85
N LEU B 26 9.03 -4.63 -4.34
CA LEU B 26 8.12 -5.46 -3.54
C LEU B 26 8.81 -6.75 -3.10
N LEU B 27 8.78 -7.01 -1.80
CA LEU B 27 9.39 -8.23 -1.27
C LEU B 27 8.34 -9.04 -0.50
N GLU B 28 7.97 -10.21 -1.02
CA GLU B 28 6.99 -11.08 -0.38
C GLU B 28 7.80 -12.15 0.32
N ARG B 29 7.74 -12.18 1.65
CA ARG B 29 8.52 -13.15 2.42
C ARG B 29 7.66 -14.13 3.18
N CYS B 30 8.07 -15.40 3.19
CA CYS B 30 7.36 -16.43 3.94
C CYS B 30 8.29 -16.91 5.03
N ILE B 31 7.83 -16.84 6.27
CA ILE B 31 8.65 -17.24 7.41
C ILE B 31 8.02 -18.28 8.30
N TYR B 32 8.70 -19.42 8.47
CA TYR B 32 8.23 -20.47 9.36
C TYR B 32 9.02 -20.27 10.65
N ASN B 33 8.31 -20.14 11.77
CA ASN B 33 8.95 -19.90 13.04
C ASN B 33 9.81 -18.64 12.91
N GLN B 34 11.13 -18.80 12.78
CA GLN B 34 11.97 -17.63 12.64
C GLN B 34 12.89 -17.80 11.46
N GLU B 35 12.54 -18.72 10.59
CA GLU B 35 13.35 -19.01 9.41
C GLU B 35 12.61 -18.76 8.10
N GLU B 36 12.98 -17.66 7.44
CA GLU B 36 12.41 -17.30 6.15
C GLU B 36 12.65 -18.50 5.24
N SER B 37 11.64 -18.94 4.50
CA SER B 37 11.79 -20.11 3.65
C SER B 37 11.70 -19.90 2.13
N VAL B 38 10.96 -18.88 1.71
CA VAL B 38 10.81 -18.59 0.30
C VAL B 38 10.38 -17.15 0.18
N ARG B 39 10.62 -16.54 -0.97
CA ARG B 39 10.23 -15.15 -1.16
C ARG B 39 10.15 -14.73 -2.61
N PHE B 40 9.40 -13.65 -2.83
CA PHE B 40 9.25 -13.08 -4.15
C PHE B 40 9.88 -11.71 -4.11
N ASP B 41 10.88 -11.48 -4.94
CA ASP B 41 11.52 -10.19 -4.99
C ASP B 41 11.17 -9.60 -6.35
N SER B 42 10.49 -8.46 -6.37
CA SER B 42 10.13 -7.89 -7.66
C SER B 42 11.34 -7.70 -8.57
N ASP B 43 12.52 -7.45 -7.98
CA ASP B 43 13.71 -7.25 -8.80
C ASP B 43 14.15 -8.56 -9.48
N VAL B 44 13.75 -9.68 -8.91
CA VAL B 44 14.10 -10.97 -9.48
C VAL B 44 13.05 -11.40 -10.48
N GLY B 45 11.80 -11.05 -10.22
CA GLY B 45 10.74 -11.40 -11.17
C GLY B 45 10.04 -12.73 -10.94
N GLU B 46 10.54 -13.50 -9.97
CA GLU B 46 9.94 -14.79 -9.63
C GLU B 46 10.36 -15.30 -8.26
N TYR B 47 9.59 -16.23 -7.71
CA TYR B 47 9.91 -16.77 -6.39
C TYR B 47 11.23 -17.52 -6.37
N ARG B 48 11.86 -17.51 -5.20
CA ARG B 48 13.13 -18.19 -4.97
C ARG B 48 13.08 -18.70 -3.53
N ALA B 49 13.48 -19.95 -3.31
CA ALA B 49 13.47 -20.48 -1.96
C ALA B 49 14.71 -19.99 -1.22
N VAL B 50 14.56 -19.59 0.05
CA VAL B 50 15.71 -19.14 0.84
C VAL B 50 16.25 -20.27 1.72
N THR B 51 15.50 -21.35 1.82
CA THR B 51 15.93 -22.53 2.58
C THR B 51 15.33 -23.69 1.81
N GLU B 52 15.84 -24.89 2.07
CA GLU B 52 15.33 -26.04 1.36
C GLU B 52 13.84 -26.24 1.52
N LEU B 53 13.29 -25.80 2.65
CA LEU B 53 11.86 -25.96 2.91
C LEU B 53 10.96 -25.22 1.91
N GLY B 54 11.42 -24.08 1.41
CA GLY B 54 10.60 -23.32 0.47
C GLY B 54 10.72 -23.80 -0.97
N ARG B 55 11.76 -24.58 -1.24
CA ARG B 55 12.00 -25.10 -2.58
C ARG B 55 10.72 -25.62 -3.26
N PRO B 56 9.88 -26.36 -2.51
CA PRO B 56 8.64 -26.90 -3.10
C PRO B 56 7.65 -25.79 -3.47
N ASP B 57 7.64 -24.75 -2.67
CA ASP B 57 6.72 -23.65 -2.86
C ASP B 57 7.14 -22.70 -3.97
N ALA B 58 8.44 -22.52 -4.14
CA ALA B 58 8.92 -21.62 -5.19
C ALA B 58 8.64 -22.19 -6.57
N GLU B 59 8.82 -23.49 -6.76
CA GLU B 59 8.60 -24.06 -8.07
C GLU B 59 7.13 -24.29 -8.38
N TYR B 60 6.35 -24.55 -7.36
CA TYR B 60 4.93 -24.74 -7.57
C TYR B 60 4.27 -23.39 -7.91
N TRP B 61 4.75 -22.32 -7.26
CA TRP B 61 4.20 -21.00 -7.51
C TRP B 61 4.73 -20.41 -8.80
N ASN B 62 6.02 -20.59 -9.10
CA ASN B 62 6.56 -20.04 -10.32
C ASN B 62 5.93 -20.64 -11.57
N SER B 63 5.28 -21.80 -11.42
CA SER B 63 4.66 -22.48 -12.54
C SER B 63 3.25 -21.99 -12.88
N GLN B 64 2.74 -21.07 -12.07
CA GLN B 64 1.40 -20.54 -12.30
C GLN B 64 1.49 -19.13 -12.89
N LYS B 65 1.66 -19.08 -14.22
CA LYS B 65 1.78 -17.83 -14.94
C LYS B 65 0.95 -16.65 -14.40
N ASP B 66 -0.36 -16.83 -14.29
CA ASP B 66 -1.23 -15.76 -13.80
C ASP B 66 -0.88 -15.28 -12.39
N LEU B 67 -0.31 -16.17 -11.58
CA LEU B 67 0.09 -15.82 -10.21
C LEU B 67 1.29 -14.87 -10.28
N LEU B 68 2.29 -15.22 -11.09
CA LEU B 68 3.48 -14.40 -11.25
C LEU B 68 3.20 -13.08 -11.98
N GLU B 69 2.29 -13.11 -12.95
CA GLU B 69 1.94 -11.89 -13.67
C GLU B 69 1.41 -10.94 -12.62
N GLN B 70 0.59 -11.48 -11.72
CA GLN B 70 -0.04 -10.74 -10.64
C GLN B 70 0.98 -10.20 -9.64
N ARG B 71 1.90 -11.06 -9.19
CA ARG B 71 2.92 -10.61 -8.24
C ARG B 71 3.83 -9.54 -8.86
N ARG B 72 4.08 -9.66 -10.15
CA ARG B 72 4.94 -8.70 -10.85
C ARG B 72 4.27 -7.34 -10.96
N ALA B 73 2.97 -7.36 -11.23
CA ALA B 73 2.23 -6.11 -11.37
C ALA B 73 1.88 -5.52 -10.03
N ALA B 74 2.08 -6.29 -8.96
CA ALA B 74 1.76 -5.82 -7.61
C ALA B 74 2.48 -4.50 -7.28
N VAL B 75 3.70 -4.33 -7.80
CA VAL B 75 4.46 -3.12 -7.58
C VAL B 75 3.58 -1.90 -7.84
N ASP B 76 2.70 -1.99 -8.84
CA ASP B 76 1.82 -0.89 -9.17
C ASP B 76 0.44 -0.96 -8.50
N THR B 77 -0.27 -2.05 -8.72
CA THR B 77 -1.61 -2.23 -8.16
C THR B 77 -1.63 -2.27 -6.63
N TYR B 78 -0.55 -2.75 -6.04
CA TYR B 78 -0.45 -2.87 -4.58
C TYR B 78 0.40 -1.77 -3.93
N CYS B 79 1.72 -1.82 -4.13
CA CYS B 79 2.64 -0.85 -3.54
C CYS B 79 2.30 0.60 -3.85
N ARG B 80 2.31 0.97 -5.14
CA ARG B 80 2.01 2.35 -5.52
C ARG B 80 0.63 2.76 -5.06
N HIS B 81 -0.35 1.87 -5.26
CA HIS B 81 -1.72 2.19 -4.83
C HIS B 81 -1.80 2.50 -3.33
N ASN B 82 -1.34 1.59 -2.48
CA ASN B 82 -1.39 1.82 -1.05
C ASN B 82 -0.59 3.05 -0.64
N TYR B 83 0.43 3.40 -1.43
CA TYR B 83 1.23 4.56 -1.10
C TYR B 83 0.34 5.80 -1.19
N GLY B 84 -0.40 5.91 -2.29
CA GLY B 84 -1.29 7.04 -2.47
C GLY B 84 -2.44 7.08 -1.48
N VAL B 85 -2.85 5.90 -0.99
CA VAL B 85 -3.94 5.81 -0.03
C VAL B 85 -3.65 6.50 1.32
N GLY B 86 -2.47 6.27 1.88
CA GLY B 86 -2.16 6.86 3.17
C GLY B 86 -1.20 8.05 3.18
N GLU B 87 -0.69 8.39 2.01
CA GLU B 87 0.25 9.48 1.87
C GLU B 87 -0.05 10.73 2.72
N SER B 88 -1.31 11.13 2.76
CA SER B 88 -1.72 12.31 3.51
C SER B 88 -1.43 12.27 5.01
N PHE B 89 -1.49 11.09 5.61
CA PHE B 89 -1.24 10.96 7.04
C PHE B 89 0.00 10.17 7.48
N THR B 90 0.83 9.76 6.52
CA THR B 90 2.05 9.02 6.84
C THR B 90 3.24 9.80 6.30
N VAL B 91 3.34 9.85 4.98
CA VAL B 91 4.42 10.57 4.31
C VAL B 91 4.38 12.06 4.70
N GLN B 92 3.20 12.65 4.64
CA GLN B 92 3.04 14.05 4.94
C GLN B 92 2.89 14.37 6.43
N ARG B 93 2.77 13.36 7.26
CA ARG B 93 2.63 13.61 8.69
C ARG B 93 3.80 14.45 9.24
N ARG B 94 3.46 15.51 9.94
CA ARG B 94 4.44 16.40 10.53
C ARG B 94 4.00 16.84 11.91
N VAL B 95 4.81 16.52 12.91
CA VAL B 95 4.51 16.90 14.28
C VAL B 95 5.75 17.55 14.86
N GLU B 96 5.60 18.81 15.28
CA GLU B 96 6.68 19.60 15.86
C GLU B 96 7.19 19.03 17.17
N PRO B 97 8.52 18.99 17.33
CA PRO B 97 9.13 18.47 18.54
C PRO B 97 9.04 19.52 19.64
N LYS B 98 9.00 19.07 20.88
CA LYS B 98 8.96 19.99 22.00
C LYS B 98 10.38 19.98 22.50
N VAL B 99 11.03 21.13 22.40
CA VAL B 99 12.43 21.24 22.79
C VAL B 99 12.65 21.94 24.13
N THR B 100 13.42 21.28 25.00
CA THR B 100 13.73 21.79 26.31
C THR B 100 15.23 21.70 26.58
N VAL B 101 15.77 22.63 27.35
CA VAL B 101 17.20 22.59 27.66
C VAL B 101 17.43 22.78 29.15
N TYR B 102 18.21 21.89 29.74
CA TYR B 102 18.47 21.97 31.18
C TYR B 102 19.75 21.26 31.62
N PRO B 103 20.35 21.71 32.73
CA PRO B 103 21.59 21.11 33.27
C PRO B 103 21.44 19.63 33.60
N HIS B 112 32.05 21.16 36.43
CA HIS B 112 31.94 20.17 35.36
C HIS B 112 30.43 19.91 35.18
N ASN B 113 29.88 20.24 34.01
CA ASN B 113 28.44 20.05 33.82
C ASN B 113 27.99 19.27 32.56
N LEU B 114 26.72 18.86 32.59
CA LEU B 114 26.11 18.12 31.51
C LEU B 114 24.79 18.75 31.07
N LEU B 115 24.83 19.46 29.95
CA LEU B 115 23.64 20.11 29.41
C LEU B 115 22.80 19.10 28.66
N VAL B 116 21.49 19.22 28.83
CA VAL B 116 20.56 18.30 28.18
C VAL B 116 19.56 18.98 27.28
N CYS B 117 19.53 18.54 26.01
CA CYS B 117 18.58 19.08 25.07
C CYS B 117 17.54 18.01 24.80
N SER B 118 16.34 18.19 25.36
CA SER B 118 15.27 17.24 25.17
C SER B 118 14.42 17.64 23.97
N VAL B 119 14.26 16.70 23.04
CA VAL B 119 13.47 16.91 21.84
C VAL B 119 12.50 15.75 21.80
N SER B 120 11.23 16.02 22.09
CA SER B 120 10.24 14.94 22.10
C SER B 120 8.92 15.18 21.40
N GLY B 121 8.21 14.08 21.15
CA GLY B 121 6.91 14.12 20.50
C GLY B 121 6.89 14.53 19.04
N PHE B 122 8.00 14.37 18.34
CA PHE B 122 8.04 14.77 16.95
C PHE B 122 7.85 13.64 15.95
N TYR B 123 7.53 14.01 14.71
CA TYR B 123 7.36 13.06 13.61
C TYR B 123 7.59 13.84 12.33
N PRO B 124 8.32 13.26 11.35
CA PRO B 124 9.00 11.96 11.27
C PRO B 124 10.22 11.84 12.18
N GLY B 125 10.88 10.69 12.10
CA GLY B 125 12.05 10.43 12.91
C GLY B 125 13.28 11.17 12.42
N SER B 126 13.20 11.72 11.22
CA SER B 126 14.33 12.45 10.67
C SER B 126 14.50 13.78 11.40
N ILE B 127 15.68 14.03 11.95
CA ILE B 127 15.91 15.26 12.70
C ILE B 127 17.39 15.52 12.95
N GLU B 128 17.75 16.79 13.15
CA GLU B 128 19.13 17.19 13.44
C GLU B 128 19.13 18.02 14.72
N VAL B 129 20.00 17.68 15.65
CA VAL B 129 20.09 18.43 16.91
C VAL B 129 21.54 18.81 17.12
N ARG B 130 21.84 20.10 16.98
CA ARG B 130 23.20 20.61 17.13
C ARG B 130 23.37 21.45 18.38
N TRP B 131 24.52 21.37 19.03
CA TRP B 131 24.79 22.18 20.21
C TRP B 131 25.66 23.38 19.78
N PHE B 132 25.59 24.47 20.54
CA PHE B 132 26.36 25.68 20.25
C PHE B 132 26.82 26.37 21.52
N ARG B 133 28.11 26.71 21.57
CA ARG B 133 28.67 27.43 22.72
C ARG B 133 28.97 28.84 22.25
N ASN B 134 28.11 29.79 22.60
CA ASN B 134 28.32 31.16 22.17
C ASN B 134 28.26 31.26 20.65
N GLY B 135 27.30 30.58 20.05
CA GLY B 135 27.16 30.63 18.61
C GLY B 135 28.18 29.83 17.82
N GLN B 136 29.01 29.05 18.51
CA GLN B 136 30.00 28.22 17.83
C GLN B 136 29.63 26.77 18.05
N GLU B 137 29.54 26.01 16.97
CA GLU B 137 29.16 24.61 17.08
C GLU B 137 30.15 23.78 17.84
N GLU B 138 29.64 22.78 18.54
CA GLU B 138 30.45 21.86 19.31
C GLU B 138 29.90 20.45 19.13
N LYS B 139 30.65 19.62 18.41
CA LYS B 139 30.25 18.24 18.16
C LYS B 139 30.96 17.30 19.14
N ALA B 140 32.04 17.77 19.75
CA ALA B 140 32.82 16.97 20.70
C ALA B 140 32.16 16.92 22.08
N GLY B 141 32.34 15.80 22.77
CA GLY B 141 31.75 15.67 24.09
C GLY B 141 30.24 15.55 24.05
N VAL B 142 29.68 15.50 22.85
CA VAL B 142 28.23 15.39 22.67
C VAL B 142 27.81 13.94 22.74
N VAL B 143 26.78 13.68 23.53
CA VAL B 143 26.26 12.32 23.69
C VAL B 143 24.73 12.29 23.54
N SER B 144 24.20 11.17 23.10
CA SER B 144 22.75 11.07 22.90
C SER B 144 22.13 9.70 23.15
N THR B 145 20.80 9.67 23.28
CA THR B 145 20.07 8.43 23.49
C THR B 145 19.81 7.76 22.14
N GLY B 146 19.95 8.54 21.07
CA GLY B 146 19.67 7.99 19.77
C GLY B 146 18.20 8.26 19.48
N LEU B 147 17.73 7.83 18.32
CA LEU B 147 16.35 8.07 17.94
C LEU B 147 15.42 7.04 18.55
N ILE B 148 14.59 7.47 19.49
CA ILE B 148 13.67 6.56 20.15
C ILE B 148 12.29 6.60 19.49
N GLN B 149 11.77 5.43 19.12
CA GLN B 149 10.45 5.35 18.50
C GLN B 149 9.48 4.99 19.61
N ASN B 150 8.56 5.89 19.93
CA ASN B 150 7.62 5.67 21.02
C ASN B 150 6.49 4.67 20.75
N GLY B 151 6.27 4.29 19.49
CA GLY B 151 5.22 3.35 19.18
C GLY B 151 3.86 3.99 18.95
N ASP B 152 3.80 5.32 19.07
CA ASP B 152 2.53 6.03 18.89
C ASP B 152 2.59 7.05 17.76
N TRP B 153 3.52 6.82 16.84
CA TRP B 153 3.74 7.72 15.72
C TRP B 153 4.41 9.01 16.16
N THR B 154 5.33 8.89 17.13
CA THR B 154 6.13 10.01 17.61
C THR B 154 7.48 9.45 18.06
N PHE B 155 8.47 10.33 18.08
CA PHE B 155 9.83 9.99 18.47
C PHE B 155 10.32 10.96 19.54
N GLN B 156 11.44 10.57 20.17
CA GLN B 156 12.07 11.42 21.16
C GLN B 156 13.57 11.20 21.15
N THR B 157 14.30 12.13 21.74
CA THR B 157 15.74 12.00 21.81
C THR B 157 16.32 13.04 22.73
N LEU B 158 17.35 12.63 23.46
CA LEU B 158 18.06 13.53 24.35
C LEU B 158 19.49 13.68 23.80
N VAL B 159 19.91 14.92 23.60
CA VAL B 159 21.25 15.21 23.10
C VAL B 159 21.97 16.07 24.14
N MET B 160 22.89 15.43 24.86
CA MET B 160 23.64 16.08 25.92
C MET B 160 25.03 16.56 25.50
N LEU B 161 25.52 17.59 26.17
CA LEU B 161 26.82 18.17 25.89
C LEU B 161 27.58 18.34 27.21
N GLU B 162 28.76 17.74 27.30
CA GLU B 162 29.58 17.85 28.50
C GLU B 162 30.31 19.19 28.43
N THR B 163 30.07 20.07 29.41
CA THR B 163 30.71 21.39 29.40
C THR B 163 31.29 21.84 30.73
N VAL B 164 32.01 22.95 30.64
CA VAL B 164 32.65 23.61 31.78
C VAL B 164 32.09 25.03 31.71
N PRO B 165 30.80 25.21 32.00
CA PRO B 165 30.10 26.50 31.96
C PRO B 165 30.72 27.62 32.77
N ARG B 166 31.24 28.62 32.05
CA ARG B 166 31.85 29.78 32.67
C ARG B 166 30.75 30.84 32.77
N SER B 167 30.78 31.64 33.82
CA SER B 167 29.78 32.69 34.02
C SER B 167 29.69 33.59 32.78
N GLY B 168 28.54 33.57 32.12
CA GLY B 168 28.37 34.41 30.94
C GLY B 168 28.11 33.69 29.62
N GLU B 169 28.70 32.50 29.44
CA GLU B 169 28.52 31.74 28.20
C GLU B 169 27.06 31.48 27.85
N VAL B 170 26.80 31.35 26.54
CA VAL B 170 25.45 31.09 26.06
C VAL B 170 25.42 29.81 25.24
N TYR B 171 24.76 28.81 25.80
CA TYR B 171 24.63 27.52 25.14
C TYR B 171 23.27 27.42 24.45
N THR B 172 23.29 27.10 23.16
CA THR B 172 22.06 26.99 22.39
C THR B 172 21.92 25.60 21.79
N CYS B 173 20.69 25.10 21.76
CA CYS B 173 20.38 23.80 21.15
C CYS B 173 19.54 24.09 19.92
N GLN B 174 20.04 23.71 18.76
CA GLN B 174 19.32 23.97 17.53
C GLN B 174 18.79 22.67 16.95
N VAL B 175 17.49 22.65 16.64
CA VAL B 175 16.83 21.49 16.09
C VAL B 175 16.27 21.80 14.71
N GLU B 176 16.68 21.00 13.73
CA GLU B 176 16.23 21.14 12.35
C GLU B 176 15.34 19.95 12.07
N HIS B 177 14.06 20.22 11.79
CA HIS B 177 13.08 19.18 11.54
C HIS B 177 12.03 19.69 10.55
N PRO B 178 11.64 18.84 9.58
CA PRO B 178 10.65 19.15 8.53
C PRO B 178 9.32 19.79 8.95
N SER B 179 8.90 19.59 10.19
CA SER B 179 7.66 20.18 10.67
C SER B 179 7.78 21.70 10.77
N VAL B 180 9.01 22.21 10.82
CA VAL B 180 9.24 23.65 10.94
C VAL B 180 10.20 24.17 9.88
N THR B 181 9.78 25.21 9.17
CA THR B 181 10.60 25.80 8.11
C THR B 181 11.96 26.24 8.64
N SER B 182 11.97 27.18 9.57
CA SER B 182 13.21 27.66 10.15
C SER B 182 13.50 26.88 11.43
N PRO B 183 14.78 26.52 11.65
CA PRO B 183 15.23 25.77 12.83
C PRO B 183 14.71 26.28 14.17
N LEU B 184 14.52 25.35 15.10
CA LEU B 184 14.04 25.65 16.45
C LEU B 184 15.27 25.74 17.35
N THR B 185 15.32 26.77 18.20
CA THR B 185 16.43 26.92 19.10
C THR B 185 15.96 27.34 20.47
N VAL B 186 16.62 26.80 21.48
CA VAL B 186 16.33 27.12 22.87
C VAL B 186 17.70 27.35 23.50
N GLU B 187 17.83 28.41 24.29
CA GLU B 187 19.11 28.72 24.90
C GLU B 187 19.18 28.56 26.41
N TRP B 188 20.41 28.54 26.91
CA TRP B 188 20.67 28.42 28.33
C TRP B 188 21.80 29.38 28.67
N ARG B 189 21.59 30.19 29.71
CA ARG B 189 22.57 31.17 30.15
C ARG B 189 23.27 30.67 31.41
N ALA B 190 24.59 30.56 31.34
CA ALA B 190 25.38 30.10 32.46
C ALA B 190 25.78 31.27 33.39
N PRO C 1 -10.63 6.34 -0.40
CA PRO C 1 -9.47 5.49 -0.77
C PRO C 1 -9.34 4.23 0.10
N LYS C 2 -9.22 3.09 -0.56
CA LYS C 2 -9.12 1.79 0.12
C LYS C 2 -7.74 1.12 0.06
N TYR C 3 -7.30 0.58 1.18
CA TYR C 3 -6.03 -0.14 1.21
C TYR C 3 -6.26 -1.48 0.53
N VAL C 4 -5.34 -1.90 -0.33
CA VAL C 4 -5.48 -3.18 -1.01
C VAL C 4 -4.57 -4.14 -0.29
N LYS C 5 -5.02 -5.38 -0.14
CA LYS C 5 -4.21 -6.37 0.52
C LYS C 5 -3.71 -7.29 -0.58
N GLN C 6 -2.63 -8.01 -0.28
CA GLN C 6 -2.04 -8.95 -1.20
C GLN C 6 -2.57 -10.29 -0.69
N ASN C 7 -3.11 -11.12 -1.56
CA ASN C 7 -3.66 -12.42 -1.16
C ASN C 7 -2.60 -13.46 -0.90
N THR C 8 -2.72 -14.16 0.24
CA THR C 8 -1.77 -15.19 0.62
C THR C 8 -2.03 -16.45 -0.22
N LEU C 9 -0.95 -17.11 -0.64
CA LEU C 9 -1.04 -18.32 -1.46
C LEU C 9 -0.95 -19.62 -0.66
N LYS C 10 -1.61 -20.66 -1.14
CA LYS C 10 -1.55 -21.96 -0.48
C LYS C 10 -0.21 -22.61 -0.81
N LEU C 11 0.48 -23.10 0.21
CA LEU C 11 1.76 -23.75 0.00
C LEU C 11 1.58 -25.04 -0.77
N ALA C 12 2.65 -25.53 -1.38
CA ALA C 12 2.61 -26.77 -2.13
C ALA C 12 2.40 -27.93 -1.16
N THR C 13 1.92 -29.06 -1.68
CA THR C 13 1.64 -30.24 -0.85
C THR C 13 2.63 -31.38 -1.09
N ASP D 2 -21.13 11.09 -7.13
CA ASP D 2 -22.45 10.63 -7.63
C ASP D 2 -22.38 10.06 -9.04
N LEU D 3 -22.24 8.73 -9.11
CA LEU D 3 -22.15 8.01 -10.37
C LEU D 3 -23.53 7.74 -10.97
N HIS D 4 -23.58 7.64 -12.30
CA HIS D 4 -24.85 7.37 -12.95
C HIS D 4 -25.28 5.97 -12.58
N ASP D 5 -26.59 5.72 -12.66
CA ASP D 5 -27.10 4.42 -12.31
C ASP D 5 -27.38 3.60 -13.55
N LYS D 6 -27.23 2.28 -13.46
CA LYS D 6 -27.48 1.43 -14.61
C LYS D 6 -28.94 1.60 -15.07
N SER D 7 -29.81 1.93 -14.12
CA SER D 7 -31.22 2.12 -14.39
C SER D 7 -31.56 3.40 -15.16
N GLU D 8 -30.55 4.18 -15.51
CA GLU D 8 -30.80 5.41 -16.26
C GLU D 8 -30.62 5.13 -17.74
N LEU D 9 -30.03 3.98 -18.06
CA LEU D 9 -29.82 3.61 -19.45
C LEU D 9 -31.07 2.92 -19.98
N THR D 10 -31.20 2.88 -21.30
CA THR D 10 -32.34 2.22 -21.94
C THR D 10 -31.88 0.82 -22.32
N ASP D 11 -32.82 -0.11 -22.48
CA ASP D 11 -32.46 -1.47 -22.84
C ASP D 11 -31.55 -1.50 -24.07
N LEU D 12 -31.76 -0.54 -24.97
CA LEU D 12 -30.96 -0.45 -26.18
C LEU D 12 -29.52 -0.06 -25.85
N ALA D 13 -29.35 0.95 -25.02
CA ALA D 13 -28.04 1.42 -24.60
C ALA D 13 -27.32 0.29 -23.91
N LEU D 14 -28.06 -0.40 -23.04
CA LEU D 14 -27.52 -1.51 -22.30
C LEU D 14 -27.13 -2.63 -23.27
N ALA D 15 -27.82 -2.72 -24.40
CA ALA D 15 -27.53 -3.75 -25.40
C ALA D 15 -26.33 -3.37 -26.23
N ASN D 16 -26.27 -2.10 -26.64
CA ASN D 16 -25.14 -1.65 -27.44
C ASN D 16 -23.88 -1.59 -26.59
N ALA D 17 -24.04 -1.49 -25.28
CA ALA D 17 -22.89 -1.47 -24.37
C ALA D 17 -22.33 -2.89 -24.33
N TYR D 18 -23.22 -3.86 -24.19
CA TYR D 18 -22.77 -5.24 -24.15
C TYR D 18 -22.06 -5.61 -25.45
N GLY D 19 -22.71 -5.34 -26.57
CA GLY D 19 -22.14 -5.67 -27.86
C GLY D 19 -20.73 -5.18 -28.14
N GLN D 20 -20.49 -3.89 -27.96
CA GLN D 20 -19.18 -3.34 -28.26
C GLN D 20 -18.05 -3.72 -27.32
N TYR D 21 -18.36 -3.99 -26.05
CA TYR D 21 -17.29 -4.35 -25.12
C TYR D 21 -17.01 -5.84 -25.08
N ASN D 22 -17.91 -6.64 -25.63
CA ASN D 22 -17.72 -8.09 -25.66
C ASN D 22 -17.30 -8.49 -27.05
N HIS D 23 -17.41 -7.55 -27.99
CA HIS D 23 -17.06 -7.80 -29.37
C HIS D 23 -16.44 -6.59 -30.05
N PRO D 24 -15.29 -6.15 -29.57
CA PRO D 24 -14.62 -4.98 -30.17
C PRO D 24 -14.11 -5.31 -31.56
N PHE D 25 -13.92 -4.28 -32.38
CA PHE D 25 -13.40 -4.47 -33.73
C PHE D 25 -11.89 -4.39 -33.63
N ILE D 26 -11.21 -5.47 -34.03
CA ILE D 26 -9.75 -5.54 -33.97
C ILE D 26 -9.06 -6.00 -35.27
N LYS D 27 -8.38 -5.07 -35.93
CA LYS D 27 -7.66 -5.37 -37.16
C LYS D 27 -6.21 -4.93 -36.96
N GLU D 28 -5.27 -5.76 -37.41
CA GLU D 28 -3.85 -5.45 -37.23
C GLU D 28 -3.11 -5.03 -38.50
N ASN D 29 -2.61 -3.80 -38.50
CA ASN D 29 -1.86 -3.27 -39.64
C ASN D 29 -2.63 -3.12 -40.94
N ILE D 30 -3.03 -1.89 -41.24
CA ILE D 30 -3.73 -1.60 -42.48
C ILE D 30 -3.47 -0.13 -42.83
N LYS D 31 -3.62 0.22 -44.10
CA LYS D 31 -3.36 1.59 -44.52
C LYS D 31 -4.59 2.22 -45.18
N SER D 32 -4.66 3.54 -45.10
CA SER D 32 -5.76 4.29 -45.68
C SER D 32 -5.29 5.62 -46.23
N ASP D 33 -5.55 5.82 -47.52
CA ASP D 33 -5.17 7.05 -48.16
C ASP D 33 -6.45 7.74 -48.61
N GLU D 34 -7.42 7.84 -47.71
CA GLU D 34 -8.66 8.49 -48.04
C GLU D 34 -9.37 9.16 -46.85
N ILE D 35 -9.21 10.48 -46.73
CA ILE D 35 -9.88 11.21 -45.66
C ILE D 35 -11.31 11.36 -46.15
N SER D 36 -12.23 11.67 -45.25
CA SER D 36 -13.62 11.83 -45.64
C SER D 36 -14.28 12.81 -44.70
N GLY D 37 -14.45 14.05 -45.15
CA GLY D 37 -15.05 15.05 -44.30
C GLY D 37 -13.95 15.65 -43.43
N GLU D 38 -12.72 15.48 -43.90
CA GLU D 38 -11.53 15.99 -43.22
C GLU D 38 -11.27 15.34 -41.86
N LYS D 39 -12.28 14.69 -41.29
CA LYS D 39 -12.12 14.07 -39.98
C LYS D 39 -12.06 12.54 -39.93
N ASP D 40 -12.24 11.86 -41.05
CA ASP D 40 -12.21 10.40 -41.04
C ASP D 40 -11.20 9.81 -42.01
N LEU D 41 -10.85 8.55 -41.78
CA LEU D 41 -9.92 7.81 -42.64
C LEU D 41 -10.70 6.62 -43.17
N ILE D 42 -10.69 6.43 -44.49
CA ILE D 42 -11.43 5.34 -45.12
C ILE D 42 -10.59 4.12 -45.47
N PHE D 43 -10.96 2.97 -44.91
CA PHE D 43 -10.27 1.71 -45.18
C PHE D 43 -11.28 0.87 -45.92
N ARG D 44 -11.20 0.87 -47.25
CA ARG D 44 -12.16 0.12 -48.05
C ARG D 44 -12.08 -1.40 -47.97
N ASN D 45 -13.25 -2.00 -47.77
CA ASN D 45 -13.41 -3.45 -47.68
C ASN D 45 -12.63 -4.12 -46.55
N GLN D 46 -12.05 -3.31 -45.65
CA GLN D 46 -11.26 -3.85 -44.56
C GLN D 46 -12.03 -3.96 -43.24
N GLY D 47 -13.34 -3.75 -43.29
CA GLY D 47 -14.17 -3.86 -42.10
C GLY D 47 -14.78 -5.26 -42.07
N ASP D 48 -15.55 -5.55 -41.03
CA ASP D 48 -16.19 -6.87 -40.90
C ASP D 48 -16.97 -7.25 -42.16
N SER D 49 -16.93 -8.54 -42.51
CA SER D 49 -17.63 -9.05 -43.69
C SER D 49 -17.44 -8.19 -44.94
N GLY D 50 -16.18 -7.92 -45.31
CA GLY D 50 -15.88 -7.14 -46.49
C GLY D 50 -16.36 -5.69 -46.54
N ASN D 51 -16.93 -5.21 -45.45
CA ASN D 51 -17.42 -3.84 -45.43
C ASN D 51 -16.29 -2.83 -45.41
N ASP D 52 -16.61 -1.63 -45.86
CA ASP D 52 -15.62 -0.57 -45.87
C ASP D 52 -15.65 0.01 -44.45
N LEU D 53 -14.48 0.32 -43.91
CA LEU D 53 -14.38 0.84 -42.55
C LEU D 53 -14.09 2.34 -42.48
N ARG D 54 -14.90 3.05 -41.71
CA ARG D 54 -14.72 4.49 -41.55
C ARG D 54 -14.29 4.83 -40.12
N VAL D 55 -13.00 5.10 -39.94
CA VAL D 55 -12.48 5.46 -38.62
C VAL D 55 -12.63 6.96 -38.41
N LYS D 56 -13.53 7.34 -37.51
CA LYS D 56 -13.77 8.75 -37.24
C LYS D 56 -12.88 9.30 -36.13
N PHE D 57 -12.35 10.50 -36.35
CA PHE D 57 -11.50 11.18 -35.37
C PHE D 57 -12.14 12.50 -34.98
N ALA D 58 -11.58 13.15 -33.97
CA ALA D 58 -12.12 14.42 -33.47
C ALA D 58 -11.75 15.63 -34.32
N THR D 59 -10.48 15.74 -34.67
CA THR D 59 -10.00 16.86 -35.48
C THR D 59 -9.34 16.32 -36.74
N ALA D 60 -9.30 17.14 -37.80
CA ALA D 60 -8.70 16.74 -39.07
C ALA D 60 -7.20 16.42 -38.90
N ASP D 61 -6.58 17.04 -37.91
CA ASP D 61 -5.18 16.82 -37.61
C ASP D 61 -4.93 15.32 -37.41
N LEU D 62 -5.75 14.69 -36.58
CA LEU D 62 -5.61 13.26 -36.29
C LEU D 62 -5.73 12.35 -37.51
N ALA D 63 -6.84 12.46 -38.24
CA ALA D 63 -7.02 11.62 -39.42
C ALA D 63 -5.79 11.80 -40.30
N GLN D 64 -5.30 13.03 -40.35
CA GLN D 64 -4.14 13.37 -41.14
C GLN D 64 -2.93 12.59 -40.65
N LYS D 65 -2.70 12.69 -39.35
CA LYS D 65 -1.57 12.01 -38.71
C LYS D 65 -1.38 10.57 -39.14
N PHE D 66 -2.47 9.81 -39.25
CA PHE D 66 -2.35 8.42 -39.63
C PHE D 66 -2.55 8.07 -41.08
N LYS D 67 -2.94 9.05 -41.89
CA LYS D 67 -3.16 8.83 -43.31
C LYS D 67 -1.88 8.30 -43.95
N ASN D 68 -2.04 7.29 -44.81
CA ASN D 68 -0.91 6.67 -45.50
C ASN D 68 0.08 5.92 -44.61
N LYS D 69 -0.37 5.51 -43.43
CA LYS D 69 0.50 4.77 -42.50
C LYS D 69 -0.11 3.44 -42.09
N ASN D 70 0.75 2.48 -41.78
CA ASN D 70 0.31 1.16 -41.34
C ASN D 70 -0.08 1.32 -39.89
N VAL D 71 -1.37 1.16 -39.61
CA VAL D 71 -1.86 1.32 -38.25
C VAL D 71 -2.58 0.09 -37.71
N ASP D 72 -2.70 0.02 -36.39
CA ASP D 72 -3.42 -1.08 -35.77
C ASP D 72 -4.76 -0.51 -35.32
N ILE D 73 -5.81 -1.31 -35.39
CA ILE D 73 -7.13 -0.84 -35.00
C ILE D 73 -7.70 -1.66 -33.86
N TYR D 74 -8.25 -0.97 -32.87
CA TYR D 74 -8.85 -1.62 -31.71
C TYR D 74 -9.95 -0.71 -31.15
N GLY D 75 -11.20 -1.16 -31.17
CA GLY D 75 -12.26 -0.32 -30.65
C GLY D 75 -13.67 -0.76 -30.94
N ALA D 76 -14.63 -0.08 -30.32
CA ALA D 76 -16.04 -0.38 -30.52
C ALA D 76 -16.48 -0.03 -31.94
N SER D 77 -17.17 -0.96 -32.59
CA SER D 77 -17.63 -0.75 -33.96
C SER D 77 -19.16 -0.79 -34.05
N PHE D 78 -19.69 -0.20 -35.11
CA PHE D 78 -21.13 -0.13 -35.28
C PHE D 78 -21.53 0.25 -36.70
N TYR D 79 -22.82 0.19 -37.00
CA TYR D 79 -23.32 0.54 -38.33
C TYR D 79 -24.34 1.67 -38.29
N TYR D 80 -25.39 1.50 -37.50
CA TYR D 80 -26.43 2.52 -37.40
C TYR D 80 -25.85 3.93 -37.37
N LYS D 81 -26.39 4.83 -38.20
CA LYS D 81 -25.94 6.22 -38.27
C LYS D 81 -24.52 6.39 -38.84
N CYS D 82 -23.97 5.35 -39.46
CA CYS D 82 -22.63 5.44 -40.02
C CYS D 82 -22.69 5.99 -41.45
N GLU D 83 -22.16 7.20 -41.66
CA GLU D 83 -22.18 7.79 -42.99
C GLU D 83 -21.64 6.82 -44.03
N LYS D 84 -22.42 6.61 -45.09
CA LYS D 84 -22.03 5.70 -46.15
C LYS D 84 -20.99 6.36 -47.05
N ILE D 85 -20.08 5.56 -47.61
CA ILE D 85 -19.02 6.04 -48.49
C ILE D 85 -19.31 5.68 -49.95
N SER D 86 -19.96 4.53 -50.15
CA SER D 86 -20.27 4.05 -51.50
C SER D 86 -21.34 2.95 -51.50
N GLU D 87 -21.36 2.19 -52.59
CA GLU D 87 -22.29 1.09 -52.79
C GLU D 87 -22.28 0.11 -51.61
N ASN D 88 -21.09 -0.21 -51.12
CA ASN D 88 -20.94 -1.16 -50.01
C ASN D 88 -21.32 -0.55 -48.66
N ILE D 89 -21.56 -1.42 -47.67
CA ILE D 89 -21.92 -0.98 -46.33
C ILE D 89 -20.70 -0.45 -45.58
N SER D 90 -20.89 0.65 -44.87
CA SER D 90 -19.80 1.27 -44.12
C SER D 90 -19.89 1.03 -42.62
N GLU D 91 -18.82 0.46 -42.06
CA GLU D 91 -18.73 0.16 -40.64
C GLU D 91 -17.90 1.25 -39.95
N CYS D 92 -18.44 1.84 -38.89
CA CYS D 92 -17.76 2.92 -38.17
C CYS D 92 -17.06 2.56 -36.86
N LEU D 93 -16.08 3.38 -36.47
CA LEU D 93 -15.28 3.23 -35.25
C LEU D 93 -14.58 4.56 -34.97
N TYR D 94 -14.53 4.96 -33.69
CA TYR D 94 -13.88 6.21 -33.31
C TYR D 94 -12.50 5.98 -32.73
N GLY D 95 -11.52 6.70 -33.25
CA GLY D 95 -10.16 6.60 -32.77
C GLY D 95 -9.60 5.19 -32.81
N GLY D 96 -9.15 4.71 -31.66
CA GLY D 96 -8.60 3.36 -31.58
C GLY D 96 -7.57 3.08 -32.65
N THR D 97 -6.72 4.07 -32.94
CA THR D 97 -5.69 3.91 -33.96
C THR D 97 -4.29 4.22 -33.47
N THR D 98 -3.39 3.28 -33.71
CA THR D 98 -1.98 3.42 -33.33
C THR D 98 -1.10 2.94 -34.48
N LEU D 99 0.16 3.34 -34.49
CA LEU D 99 1.10 2.95 -35.54
C LEU D 99 1.62 1.53 -35.34
N ASN D 100 1.33 0.67 -36.32
CA ASN D 100 1.71 -0.74 -36.32
C ASN D 100 3.16 -1.03 -35.96
N SER D 101 4.06 -0.11 -36.30
CA SER D 101 5.48 -0.34 -36.02
C SER D 101 5.92 -0.08 -34.58
N GLU D 102 5.13 0.66 -33.81
CA GLU D 102 5.50 0.96 -32.42
C GLU D 102 5.04 -0.13 -31.45
N LYS D 103 5.76 -1.25 -31.46
CA LYS D 103 5.46 -2.38 -30.59
C LYS D 103 6.52 -2.47 -29.48
N LEU D 104 6.08 -2.82 -28.27
CA LEU D 104 6.98 -2.94 -27.13
C LEU D 104 8.02 -4.04 -27.28
N ALA D 105 9.10 -3.91 -26.52
CA ALA D 105 10.17 -4.89 -26.53
C ALA D 105 9.52 -6.22 -26.15
N GLN D 106 8.87 -6.24 -24.98
CA GLN D 106 8.16 -7.40 -24.49
C GLN D 106 6.78 -6.98 -24.00
N GLU D 107 5.83 -7.91 -24.07
CA GLU D 107 4.44 -7.67 -23.66
C GLU D 107 4.25 -7.05 -22.27
N ARG D 108 3.37 -6.05 -22.20
CA ARG D 108 3.08 -5.34 -20.96
C ARG D 108 1.81 -5.82 -20.27
N VAL D 109 1.93 -6.14 -18.98
CA VAL D 109 0.81 -6.59 -18.15
C VAL D 109 0.36 -5.50 -17.17
N ILE D 110 -0.90 -5.14 -17.25
CA ILE D 110 -1.45 -4.12 -16.38
C ILE D 110 -2.40 -4.80 -15.39
N GLY D 111 -2.20 -4.52 -14.10
CA GLY D 111 -3.05 -5.11 -13.10
C GLY D 111 -4.22 -4.21 -12.78
N ALA D 112 -5.33 -4.81 -12.34
CA ALA D 112 -6.52 -4.04 -12.00
C ALA D 112 -7.15 -4.47 -10.68
N ASN D 113 -7.19 -3.56 -9.72
CA ASN D 113 -7.81 -3.87 -8.44
C ASN D 113 -9.34 -3.76 -8.63
N VAL D 114 -10.09 -4.62 -7.95
CA VAL D 114 -11.54 -4.58 -8.06
C VAL D 114 -12.24 -4.73 -6.72
N TRP D 115 -13.15 -3.81 -6.45
CA TRP D 115 -13.93 -3.83 -5.22
C TRP D 115 -15.39 -3.74 -5.59
N VAL D 116 -16.24 -4.42 -4.80
CA VAL D 116 -17.68 -4.36 -4.99
C VAL D 116 -18.22 -4.02 -3.61
N ASP D 117 -18.70 -2.79 -3.47
CA ASP D 117 -19.22 -2.27 -2.21
C ASP D 117 -18.16 -2.37 -1.13
N GLY D 118 -16.91 -2.06 -1.47
CA GLY D 118 -15.86 -2.12 -0.49
C GLY D 118 -15.14 -3.45 -0.37
N ILE D 119 -15.80 -4.54 -0.74
CA ILE D 119 -15.18 -5.86 -0.66
C ILE D 119 -14.15 -6.05 -1.77
N GLN D 120 -12.92 -6.33 -1.39
CA GLN D 120 -11.87 -6.54 -2.38
C GLN D 120 -12.11 -7.86 -3.08
N LYS D 121 -12.08 -7.82 -4.40
CA LYS D 121 -12.27 -9.02 -5.20
C LYS D 121 -10.96 -9.39 -5.83
N GLU D 122 -10.99 -10.45 -6.63
CA GLU D 122 -9.82 -10.94 -7.32
C GLU D 122 -9.25 -9.84 -8.20
N THR D 123 -7.93 -9.85 -8.40
CA THR D 123 -7.28 -8.87 -9.24
C THR D 123 -7.40 -9.34 -10.68
N GLU D 124 -7.54 -8.41 -11.61
CA GLU D 124 -7.65 -8.77 -13.01
C GLU D 124 -6.41 -8.33 -13.78
N LEU D 125 -6.15 -8.97 -14.90
CA LEU D 125 -4.99 -8.62 -15.71
C LEU D 125 -5.35 -8.33 -17.17
N ILE D 126 -4.66 -7.37 -17.77
CA ILE D 126 -4.84 -7.07 -19.18
C ILE D 126 -3.45 -6.88 -19.74
N ARG D 127 -3.30 -7.12 -21.04
CA ARG D 127 -2.00 -7.02 -21.66
C ARG D 127 -2.06 -6.22 -22.94
N THR D 128 -0.90 -5.78 -23.39
CA THR D 128 -0.79 -5.03 -24.63
C THR D 128 0.66 -5.15 -25.04
N ASN D 129 0.92 -5.18 -26.33
CA ASN D 129 2.30 -5.26 -26.76
C ASN D 129 2.57 -4.02 -27.58
N LYS D 130 1.61 -3.10 -27.58
CA LYS D 130 1.78 -1.86 -28.31
C LYS D 130 2.58 -0.94 -27.39
N LYS D 131 3.51 -0.17 -27.95
CA LYS D 131 4.30 0.75 -27.12
C LYS D 131 3.37 1.90 -26.70
N ASN D 132 2.37 2.15 -27.54
CA ASN D 132 1.37 3.18 -27.28
C ASN D 132 -0.01 2.60 -27.54
N VAL D 133 -0.84 2.56 -26.50
CA VAL D 133 -2.17 2.00 -26.63
C VAL D 133 -3.26 3.05 -26.35
N THR D 134 -4.37 2.94 -27.07
CA THR D 134 -5.48 3.86 -26.89
C THR D 134 -6.22 3.53 -25.60
N LEU D 135 -6.72 4.57 -24.93
CA LEU D 135 -7.45 4.38 -23.70
C LEU D 135 -8.65 3.49 -24.02
N GLN D 136 -9.09 3.53 -25.28
CA GLN D 136 -10.22 2.73 -25.69
C GLN D 136 -9.90 1.24 -25.60
N GLU D 137 -8.75 0.85 -26.15
CA GLU D 137 -8.35 -0.56 -26.13
C GLU D 137 -8.32 -1.04 -24.70
N LEU D 138 -7.77 -0.22 -23.82
CA LEU D 138 -7.64 -0.57 -22.41
C LEU D 138 -8.99 -0.62 -21.73
N ASP D 139 -9.82 0.39 -21.97
CA ASP D 139 -11.14 0.42 -21.36
C ASP D 139 -11.95 -0.80 -21.76
N ILE D 140 -11.97 -1.10 -23.05
CA ILE D 140 -12.71 -2.24 -23.57
C ILE D 140 -12.28 -3.55 -22.91
N LYS D 141 -10.97 -3.75 -22.80
CA LYS D 141 -10.45 -4.97 -22.20
C LYS D 141 -10.81 -5.12 -20.72
N ILE D 142 -10.92 -4.00 -20.02
CA ILE D 142 -11.29 -4.07 -18.62
C ILE D 142 -12.79 -4.33 -18.51
N ARG D 143 -13.57 -3.70 -19.39
CA ARG D 143 -15.02 -3.88 -19.37
C ARG D 143 -15.45 -5.30 -19.76
N LYS D 144 -14.65 -5.96 -20.62
CA LYS D 144 -14.94 -7.33 -21.03
C LYS D 144 -14.92 -8.22 -19.79
N ILE D 145 -13.87 -8.07 -19.01
CA ILE D 145 -13.72 -8.86 -17.80
C ILE D 145 -14.87 -8.57 -16.84
N LEU D 146 -15.13 -7.28 -16.60
CA LEU D 146 -16.20 -6.86 -15.71
C LEU D 146 -17.54 -7.41 -16.22
N SER D 147 -17.70 -7.43 -17.54
CA SER D 147 -18.92 -7.95 -18.14
C SER D 147 -19.08 -9.42 -17.80
N ASP D 148 -18.05 -10.23 -18.07
CA ASP D 148 -18.09 -11.67 -17.76
C ASP D 148 -18.12 -11.97 -16.27
N LYS D 149 -17.31 -11.24 -15.51
CA LYS D 149 -17.20 -11.47 -14.08
C LYS D 149 -18.32 -10.87 -13.23
N TYR D 150 -18.75 -9.65 -13.54
CA TYR D 150 -19.77 -8.99 -12.75
C TYR D 150 -21.10 -8.66 -13.41
N LYS D 151 -21.25 -9.03 -14.67
CA LYS D 151 -22.51 -8.84 -15.38
C LYS D 151 -22.95 -7.38 -15.40
N ILE D 152 -21.99 -6.49 -15.59
CA ILE D 152 -22.29 -5.07 -15.59
C ILE D 152 -23.30 -4.57 -16.61
N TYR D 153 -23.36 -5.19 -17.78
CA TYR D 153 -24.33 -4.71 -18.75
C TYR D 153 -25.57 -5.57 -18.98
N TYR D 154 -25.88 -6.44 -18.02
CA TYR D 154 -27.09 -7.25 -18.09
C TYR D 154 -28.13 -6.43 -17.33
N LYS D 155 -29.31 -6.28 -17.92
CA LYS D 155 -30.35 -5.48 -17.28
C LYS D 155 -30.64 -5.86 -15.85
N ASP D 156 -30.76 -7.15 -15.59
CA ASP D 156 -31.09 -7.58 -14.26
C ASP D 156 -29.96 -8.10 -13.39
N SER D 157 -28.81 -7.43 -13.42
CA SER D 157 -27.69 -7.84 -12.58
C SER D 157 -27.73 -6.95 -11.34
N GLU D 158 -27.13 -7.41 -10.25
CA GLU D 158 -27.13 -6.65 -9.01
C GLU D 158 -26.27 -5.38 -9.02
N ILE D 159 -25.33 -5.28 -9.96
CA ILE D 159 -24.48 -4.09 -10.03
C ILE D 159 -25.23 -2.95 -10.69
N SER D 160 -25.16 -1.75 -10.11
CA SER D 160 -25.87 -0.60 -10.68
C SER D 160 -25.00 0.64 -10.84
N LYS D 161 -23.78 0.60 -10.32
CA LYS D 161 -22.87 1.73 -10.43
C LYS D 161 -21.44 1.26 -10.49
N GLY D 162 -20.65 1.89 -11.34
CA GLY D 162 -19.27 1.50 -11.46
C GLY D 162 -18.38 2.65 -11.91
N LEU D 163 -17.12 2.60 -11.50
CA LEU D 163 -16.15 3.60 -11.89
C LEU D 163 -14.81 2.90 -12.14
N ILE D 164 -14.24 3.15 -13.31
CA ILE D 164 -12.95 2.56 -13.69
C ILE D 164 -11.90 3.68 -13.74
N GLU D 165 -10.79 3.46 -13.04
CA GLU D 165 -9.72 4.44 -12.99
C GLU D 165 -8.44 3.91 -13.58
N PHE D 166 -7.87 4.69 -14.50
CA PHE D 166 -6.63 4.34 -15.15
C PHE D 166 -5.54 5.23 -14.57
N ASP D 167 -4.72 4.67 -13.69
CA ASP D 167 -3.64 5.42 -13.06
C ASP D 167 -2.32 5.34 -13.81
N MET D 168 -1.72 6.50 -14.03
CA MET D 168 -0.43 6.58 -14.71
C MET D 168 0.67 6.59 -13.63
N LYS D 169 1.87 6.12 -13.97
CA LYS D 169 2.97 6.12 -13.00
C LYS D 169 3.21 7.55 -12.55
N THR D 170 3.00 8.51 -13.44
CA THR D 170 3.14 9.91 -13.09
C THR D 170 1.82 10.19 -12.37
N PRO D 171 1.74 11.27 -11.59
CA PRO D 171 0.48 11.55 -10.89
C PRO D 171 -0.76 11.78 -11.77
N ARG D 172 -0.78 11.21 -12.97
CA ARG D 172 -1.93 11.37 -13.88
C ARG D 172 -2.98 10.27 -13.64
N ASP D 173 -4.24 10.56 -13.99
CA ASP D 173 -5.33 9.60 -13.79
C ASP D 173 -6.55 9.85 -14.71
N TYR D 174 -6.97 8.82 -15.44
CA TYR D 174 -8.12 8.92 -16.34
C TYR D 174 -9.22 8.04 -15.77
N SER D 175 -10.48 8.40 -16.00
CA SER D 175 -11.56 7.61 -15.45
C SER D 175 -12.86 7.61 -16.25
N PHE D 176 -13.67 6.58 -16.04
CA PHE D 176 -14.97 6.41 -16.67
C PHE D 176 -16.01 5.89 -15.70
N ASP D 177 -17.23 6.41 -15.82
CA ASP D 177 -18.38 5.99 -15.05
C ASP D 177 -18.94 4.97 -16.04
N ILE D 178 -18.95 3.69 -15.68
CA ILE D 178 -19.43 2.67 -16.61
C ILE D 178 -20.89 2.78 -17.03
N TYR D 179 -21.65 3.65 -16.37
CA TYR D 179 -23.05 3.79 -16.76
C TYR D 179 -23.29 5.19 -17.29
N ASP D 180 -22.23 5.97 -17.41
CA ASP D 180 -22.38 7.30 -17.93
C ASP D 180 -22.16 7.32 -19.43
N LEU D 181 -22.91 6.45 -20.13
CA LEU D 181 -22.84 6.38 -21.58
C LEU D 181 -23.48 7.70 -21.95
N LYS D 182 -23.20 8.22 -23.13
CA LYS D 182 -23.79 9.51 -23.51
C LYS D 182 -24.96 9.41 -24.46
N GLY D 183 -25.57 8.23 -24.53
CA GLY D 183 -26.69 8.02 -25.43
C GLY D 183 -26.99 6.55 -25.49
N GLU D 184 -27.81 6.12 -26.45
CA GLU D 184 -28.13 4.72 -26.55
C GLU D 184 -27.60 4.10 -27.84
N ASN D 185 -27.05 4.94 -28.71
CA ASN D 185 -26.49 4.46 -29.97
C ASN D 185 -24.98 4.59 -29.90
N ASP D 186 -24.27 3.63 -30.47
CA ASP D 186 -22.81 3.67 -30.47
C ASP D 186 -22.35 4.97 -31.10
N TYR D 187 -23.05 5.40 -32.16
CA TYR D 187 -22.73 6.64 -32.85
C TYR D 187 -22.61 7.81 -31.86
N GLU D 188 -23.40 7.77 -30.79
CA GLU D 188 -23.34 8.81 -29.76
C GLU D 188 -22.38 8.32 -28.67
N ILE D 189 -22.72 7.17 -28.09
CA ILE D 189 -21.95 6.55 -27.02
C ILE D 189 -20.44 6.56 -27.24
N ASP D 190 -20.00 6.15 -28.42
CA ASP D 190 -18.58 6.07 -28.69
C ASP D 190 -17.84 7.34 -29.06
N LYS D 191 -18.54 8.47 -29.11
CA LYS D 191 -17.89 9.73 -29.44
C LYS D 191 -16.86 10.09 -28.36
N ILE D 192 -16.92 9.38 -27.23
CA ILE D 192 -16.00 9.61 -26.12
C ILE D 192 -14.58 9.22 -26.49
N TYR D 193 -14.44 8.38 -27.51
CA TYR D 193 -13.14 7.89 -27.97
C TYR D 193 -12.57 8.61 -29.18
N GLU D 194 -13.34 9.48 -29.82
CA GLU D 194 -12.82 10.14 -31.03
C GLU D 194 -11.56 10.97 -30.86
N ASP D 195 -11.23 11.30 -29.62
CA ASP D 195 -10.03 12.09 -29.36
C ASP D 195 -8.83 11.18 -29.60
N ASN D 196 -9.08 9.88 -29.74
CA ASN D 196 -8.04 8.89 -29.99
C ASN D 196 -6.93 8.97 -28.95
N LYS D 197 -7.31 9.33 -27.72
CA LYS D 197 -6.35 9.44 -26.61
C LYS D 197 -5.45 8.22 -26.56
N THR D 198 -4.15 8.45 -26.51
CA THR D 198 -3.21 7.34 -26.47
C THR D 198 -2.23 7.46 -25.31
N LEU D 199 -1.96 6.34 -24.63
CA LEU D 199 -1.04 6.33 -23.50
C LEU D 199 0.23 5.54 -23.79
N LYS D 200 1.31 5.90 -23.12
CA LYS D 200 2.56 5.17 -23.31
C LYS D 200 2.46 4.01 -22.32
N SER D 201 2.36 2.78 -22.85
CA SER D 201 2.22 1.57 -22.05
C SER D 201 3.13 1.45 -20.84
N ASP D 202 4.41 1.79 -21.01
CA ASP D 202 5.31 1.69 -19.88
C ASP D 202 5.03 2.75 -18.82
N ASP D 203 4.41 3.85 -19.22
CA ASP D 203 4.09 4.93 -18.28
C ASP D 203 2.86 4.63 -17.42
N ILE D 204 2.14 3.57 -17.77
CA ILE D 204 0.95 3.20 -17.03
C ILE D 204 1.30 2.44 -15.76
N SER D 205 0.53 2.71 -14.71
CA SER D 205 0.73 2.03 -13.43
C SER D 205 -0.30 0.93 -13.26
N HIS D 206 -1.55 1.32 -13.03
CA HIS D 206 -2.58 0.31 -12.84
C HIS D 206 -4.00 0.84 -12.97
N ILE D 207 -4.95 -0.07 -12.77
CA ILE D 207 -6.37 0.24 -12.85
C ILE D 207 -7.10 -0.06 -11.53
N ASP D 208 -8.04 0.79 -11.17
CA ASP D 208 -8.83 0.55 -9.97
C ASP D 208 -10.28 0.52 -10.41
N VAL D 209 -10.99 -0.51 -10.00
CA VAL D 209 -12.38 -0.65 -10.37
C VAL D 209 -13.25 -0.65 -9.13
N ASN D 210 -14.28 0.19 -9.14
CA ASN D 210 -15.20 0.25 -8.01
C ASN D 210 -16.63 0.08 -8.54
N LEU D 211 -17.30 -0.98 -8.07
CA LEU D 211 -18.67 -1.29 -8.47
C LEU D 211 -19.56 -1.25 -7.24
N TYR D 212 -20.85 -0.99 -7.44
CA TYR D 212 -21.78 -0.93 -6.33
C TYR D 212 -23.08 -1.62 -6.67
N THR D 213 -23.61 -2.38 -5.72
CA THR D 213 -24.87 -3.09 -5.93
C THR D 213 -26.02 -2.13 -5.65
ZN ZN E . -4.80 2.53 -7.22
#